data_6P6D
#
_entry.id   6P6D
#
_cell.length_a   50.192
_cell.length_b   81.066
_cell.length_c   136.910
_cell.angle_alpha   90.00
_cell.angle_beta   90.00
_cell.angle_gamma   90.00
#
_symmetry.space_group_name_H-M   'P 21 21 21'
#
loop_
_entity.id
_entity.type
_entity.pdbx_description
1 polymer 'IgG1 Fc fragment'
2 branched 2-acetamido-2-deoxy-beta-D-glucopyranose-(1-2)-alpha-D-mannopyranose-(1-3)-[2-acetamido-2-deoxy-beta-D-glucopyranose-(1-2)-alpha-D-mannopyranose-(1-6)]beta-D-mannopyranose-(1-4)-2-acetamido-2-deoxy-beta-D-glucopyranose-(1-4)-[alpha-L-fucopyranose-(1-6)]2-acetamido-2-deoxy-beta-D-glucopyranose
3 non-polymer CYSTEINE
4 water water
#
_entity_poly.entity_id   1
_entity_poly.type   'polypeptide(L)'
_entity_poly.pdbx_seq_one_letter_code
;DKTHTCPPCPAPELLGGPSCVFLFPPKPKDTLMISRTPEVTCVVVDVSHEDPEVKFNWYVDGVEVHNAKTKPREEQYNST
YRVVSVLTVLHQDWLNGKEYKCKVSNKALPAPIEKTISKAKGQPREPQVYTLPPSREEMTKNQVSLTCLVKGFYPSDIAV
EWESNGQPENNYKTTPPVLDSDGSFFLYSKLTVDKSRWQQGNVFSCSVMHEALHNHYTQKSLSLSPGK
;
_entity_poly.pdbx_strand_id   A,B
#
loop_
_chem_comp.id
_chem_comp.type
_chem_comp.name
_chem_comp.formula
BMA D-saccharide, beta linking beta-D-mannopyranose 'C6 H12 O6'
FUC L-saccharide, alpha linking alpha-L-fucopyranose 'C6 H12 O5'
MAN D-saccharide, alpha linking alpha-D-mannopyranose 'C6 H12 O6'
NAG D-saccharide, beta linking 2-acetamido-2-deoxy-beta-D-glucopyranose 'C8 H15 N O6'
#
# COMPACT_ATOMS: atom_id res chain seq x y z
N PRO A 18 4.03 3.42 28.70
CA PRO A 18 5.24 4.18 28.38
C PRO A 18 6.17 3.38 27.44
N SER A 19 6.44 2.10 27.75
CA SER A 19 7.20 1.15 26.90
C SER A 19 6.27 0.55 25.84
N CYS A 20 6.64 0.59 24.57
CA CYS A 20 5.83 -0.11 23.53
C CYS A 20 6.65 -1.21 22.89
N VAL A 21 6.01 -2.33 22.58
CA VAL A 21 6.67 -3.50 21.96
C VAL A 21 6.25 -3.65 20.50
N PHE A 22 7.19 -3.97 19.61
CA PHE A 22 6.96 -4.13 18.15
C PHE A 22 7.56 -5.49 17.73
N LEU A 23 6.80 -6.26 16.95
CA LEU A 23 7.18 -7.66 16.60
C LEU A 23 7.06 -7.88 15.08
N PHE A 24 8.21 -8.12 14.47
CA PHE A 24 8.49 -8.05 13.03
C PHE A 24 8.68 -9.50 12.50
N PRO A 25 8.04 -9.80 11.37
CA PRO A 25 8.10 -11.15 10.80
C PRO A 25 9.44 -11.35 10.13
N PRO A 26 9.74 -12.57 9.65
CA PRO A 26 10.86 -12.76 8.74
C PRO A 26 10.50 -12.25 7.34
N LYS A 27 11.51 -12.00 6.53
CA LYS A 27 11.30 -11.54 5.15
C LYS A 27 10.80 -12.71 4.33
N PRO A 28 9.93 -12.43 3.36
CA PRO A 28 9.35 -13.48 2.53
C PRO A 28 10.37 -14.48 1.97
N LYS A 29 11.54 -14.01 1.54
CA LYS A 29 12.53 -14.84 0.85
C LYS A 29 13.20 -15.73 1.87
N ASP A 30 13.34 -15.23 3.10
CA ASP A 30 14.06 -15.97 4.18
C ASP A 30 13.37 -17.27 4.59
N THR A 31 12.06 -17.34 4.41
CA THR A 31 11.31 -18.55 4.79
C THR A 31 11.20 -19.53 3.61
N LEU A 32 11.41 -19.10 2.39
CA LEU A 32 11.18 -19.92 1.16
C LEU A 32 12.44 -20.63 0.70
N MET A 33 13.61 -20.15 1.10
CA MET A 33 14.95 -20.68 0.76
C MET A 33 15.68 -21.19 2.01
N ILE A 34 16.13 -22.43 1.95
CA ILE A 34 16.78 -23.18 3.07
C ILE A 34 18.12 -22.48 3.39
N SER A 35 18.78 -21.95 2.34
CA SER A 35 20.04 -21.17 2.37
C SER A 35 19.94 -19.98 3.34
N ARG A 36 18.76 -19.42 3.51
CA ARG A 36 18.61 -18.23 4.34
C ARG A 36 18.17 -18.60 5.75
N THR A 37 18.26 -17.63 6.64
CA THR A 37 18.01 -17.77 8.09
C THR A 37 16.87 -16.83 8.43
N PRO A 38 15.62 -17.33 8.48
CA PRO A 38 14.48 -16.47 8.82
C PRO A 38 14.42 -16.21 10.35
N GLU A 39 14.03 -15.00 10.70
CA GLU A 39 14.07 -14.48 12.09
C GLU A 39 12.79 -13.72 12.39
N VAL A 40 12.34 -13.83 13.64
CA VAL A 40 11.30 -12.89 14.10
C VAL A 40 11.98 -11.98 15.14
N THR A 41 11.64 -10.71 15.15
CA THR A 41 12.36 -9.69 15.95
C THR A 41 11.40 -8.94 16.87
N CYS A 42 11.72 -8.94 18.16
CA CYS A 42 10.94 -8.23 19.21
C CYS A 42 11.75 -6.99 19.64
N VAL A 43 11.18 -5.83 19.38
CA VAL A 43 11.84 -4.54 19.70
C VAL A 43 11.01 -3.87 20.80
N VAL A 44 11.65 -3.49 21.93
CA VAL A 44 11.07 -2.69 23.06
C VAL A 44 11.64 -1.28 22.99
N VAL A 45 10.79 -0.27 22.97
CA VAL A 45 11.21 1.17 22.87
C VAL A 45 10.71 1.96 24.10
N ASP A 46 11.25 3.16 24.28
CA ASP A 46 10.87 4.08 25.40
C ASP A 46 10.95 3.32 26.71
N VAL A 47 11.99 2.52 26.91
CA VAL A 47 12.41 1.99 28.24
C VAL A 47 13.05 3.17 29.00
N SER A 48 12.77 3.30 30.29
CA SER A 48 13.17 4.46 31.13
C SER A 48 14.61 4.29 31.62
N HIS A 49 15.25 5.43 31.96
CA HIS A 49 16.65 5.54 32.50
C HIS A 49 16.70 5.09 33.95
N GLU A 50 15.64 5.35 34.70
CA GLU A 50 15.57 5.16 36.17
C GLU A 50 15.19 3.71 36.51
N ASP A 51 14.82 2.91 35.50
CA ASP A 51 14.26 1.54 35.67
C ASP A 51 14.53 0.74 34.40
N PRO A 52 15.81 0.50 34.04
CA PRO A 52 16.14 0.02 32.70
C PRO A 52 16.22 -1.50 32.52
N GLU A 53 15.99 -2.27 33.55
CA GLU A 53 16.00 -3.76 33.61
C GLU A 53 14.88 -4.31 32.70
N VAL A 54 15.17 -5.12 31.72
CA VAL A 54 14.19 -5.74 30.80
C VAL A 54 14.45 -7.25 30.71
N LYS A 55 13.29 -8.02 30.81
CA LYS A 55 13.36 -9.48 30.52
C LYS A 55 12.47 -9.83 29.30
N PHE A 56 12.93 -10.78 28.47
CA PHE A 56 12.11 -11.35 27.37
C PHE A 56 11.80 -12.81 27.64
N ASN A 57 10.56 -13.22 27.43
CA ASN A 57 10.18 -14.64 27.31
C ASN A 57 9.61 -14.90 25.89
N TRP A 58 9.93 -16.05 25.32
CA TRP A 58 9.51 -16.42 23.93
C TRP A 58 8.72 -17.74 23.92
N TYR A 59 7.60 -17.73 23.20
CA TYR A 59 6.71 -18.92 23.08
C TYR A 59 6.46 -19.15 21.59
N VAL A 60 6.44 -20.44 21.26
CA VAL A 60 6.10 -21.01 19.93
C VAL A 60 4.90 -21.91 20.11
N ASP A 61 3.72 -21.49 19.68
CA ASP A 61 2.42 -22.17 19.95
C ASP A 61 2.17 -22.30 21.46
N GLY A 62 2.59 -21.34 22.27
CA GLY A 62 2.29 -21.32 23.70
C GLY A 62 3.33 -22.10 24.49
N VAL A 63 4.22 -22.86 23.84
CA VAL A 63 5.31 -23.56 24.60
C VAL A 63 6.55 -22.65 24.57
N GLU A 64 7.15 -22.41 25.73
CA GLU A 64 8.30 -21.51 25.91
C GLU A 64 9.49 -22.11 25.16
N VAL A 65 10.32 -21.24 24.60
CA VAL A 65 11.57 -21.68 23.95
C VAL A 65 12.69 -20.80 24.51
N HIS A 66 13.93 -21.25 24.45
CA HIS A 66 15.08 -20.67 25.21
C HIS A 66 16.23 -20.23 24.30
N ASN A 67 16.14 -20.42 22.97
CA ASN A 67 17.27 -20.17 22.00
C ASN A 67 17.37 -18.71 21.56
N ALA A 68 16.49 -17.80 21.98
CA ALA A 68 16.51 -16.41 21.49
C ALA A 68 17.84 -15.72 21.82
N LYS A 69 18.26 -14.74 20.99
CA LYS A 69 19.49 -13.92 21.13
C LYS A 69 19.15 -12.45 21.42
N THR A 70 19.30 -12.07 22.69
CA THR A 70 18.92 -10.74 23.23
C THR A 70 20.15 -9.83 23.25
N LYS A 71 19.99 -8.60 22.78
CA LYS A 71 21.09 -7.61 22.68
C LYS A 71 21.12 -6.74 23.92
N PRO A 72 22.29 -6.13 24.20
CA PRO A 72 22.40 -5.14 25.26
C PRO A 72 21.60 -3.90 24.84
N ARG A 73 20.93 -3.29 25.83
CA ARG A 73 20.15 -2.03 25.71
C ARG A 73 21.02 -0.92 25.11
N GLU A 74 20.46 -0.18 24.15
CA GLU A 74 21.09 0.87 23.31
C GLU A 74 20.40 2.18 23.69
N GLU A 75 21.17 3.13 24.22
CA GLU A 75 20.63 4.45 24.58
C GLU A 75 20.36 5.20 23.27
N GLN A 76 19.17 5.78 23.14
CA GLN A 76 18.73 6.61 21.99
C GLN A 76 18.98 8.07 22.36
N TYR A 77 18.73 9.01 21.46
CA TYR A 77 19.07 10.45 21.59
C TYR A 77 17.91 11.17 22.27
N ASN A 78 16.98 10.43 22.88
CA ASN A 78 15.82 11.06 23.55
C ASN A 78 15.66 10.54 24.99
N SER A 79 16.76 10.13 25.64
CA SER A 79 16.86 9.84 27.12
C SER A 79 16.20 8.51 27.50
N THR A 80 16.14 7.58 26.54
CA THR A 80 15.42 6.26 26.62
C THR A 80 16.25 5.16 25.98
N TYR A 81 16.03 3.91 26.41
CA TYR A 81 16.70 2.70 25.87
C TYR A 81 15.77 1.95 24.92
N ARG A 82 16.34 1.37 23.88
CA ARG A 82 15.72 0.43 22.92
C ARG A 82 16.38 -0.93 23.14
N VAL A 83 15.61 -2.03 23.27
CA VAL A 83 16.20 -3.37 23.50
C VAL A 83 15.55 -4.33 22.50
N VAL A 84 16.37 -5.20 21.89
CA VAL A 84 16.00 -6.08 20.73
C VAL A 84 16.29 -7.51 21.14
N SER A 85 15.33 -8.40 20.94
CA SER A 85 15.54 -9.85 21.05
C SER A 85 15.22 -10.46 19.66
N VAL A 86 15.96 -11.48 19.25
CA VAL A 86 15.87 -12.13 17.89
C VAL A 86 15.71 -13.63 18.03
N LEU A 87 14.55 -14.16 17.69
CA LEU A 87 14.34 -15.64 17.65
C LEU A 87 14.45 -16.11 16.19
N THR A 88 15.37 -17.04 15.95
CA THR A 88 15.52 -17.84 14.73
C THR A 88 14.34 -18.82 14.64
N VAL A 89 13.67 -18.90 13.51
CA VAL A 89 12.52 -19.82 13.32
C VAL A 89 12.93 -20.87 12.27
N LEU A 90 12.41 -22.06 12.39
CA LEU A 90 12.45 -23.10 11.33
C LEU A 90 11.52 -22.67 10.20
N HIS A 91 12.04 -22.74 8.97
CA HIS A 91 11.27 -22.47 7.76
C HIS A 91 9.94 -23.19 7.82
N GLN A 92 9.90 -24.49 8.06
CA GLN A 92 8.61 -25.21 7.99
C GLN A 92 7.69 -24.79 9.15
N ASP A 93 8.23 -24.40 10.30
CA ASP A 93 7.35 -23.94 11.41
C ASP A 93 6.56 -22.69 10.96
N TRP A 94 7.24 -21.72 10.37
CA TRP A 94 6.58 -20.50 9.91
C TRP A 94 5.58 -20.89 8.78
N LEU A 95 5.98 -21.75 7.84
CA LEU A 95 5.03 -22.08 6.76
C LEU A 95 3.91 -22.99 7.31
N ASN A 96 4.12 -23.70 8.42
CA ASN A 96 3.01 -24.50 9.01
C ASN A 96 2.12 -23.62 9.91
N GLY A 97 2.33 -22.31 9.98
CA GLY A 97 1.42 -21.40 10.65
C GLY A 97 1.60 -21.39 12.19
N LYS A 98 2.73 -21.78 12.74
CA LYS A 98 3.08 -21.61 14.18
C LYS A 98 2.99 -20.14 14.62
N GLU A 99 2.59 -19.92 15.84
CA GLU A 99 2.40 -18.56 16.42
C GLU A 99 3.61 -18.21 17.27
N TYR A 100 4.22 -17.02 17.05
CA TYR A 100 5.40 -16.56 17.81
C TYR A 100 4.96 -15.50 18.82
N LYS A 101 5.11 -15.77 20.09
CA LYS A 101 4.69 -14.77 21.14
C LYS A 101 5.95 -14.24 21.82
N CYS A 102 6.21 -12.96 21.71
CA CYS A 102 7.21 -12.27 22.51
C CYS A 102 6.52 -11.74 23.77
N LYS A 103 7.08 -11.93 24.96
CA LYS A 103 6.59 -11.34 26.24
C LYS A 103 7.73 -10.58 26.92
N VAL A 104 7.41 -9.34 27.32
CA VAL A 104 8.38 -8.31 27.78
C VAL A 104 7.98 -7.80 29.17
N SER A 105 8.84 -7.97 30.15
CA SER A 105 8.63 -7.63 31.59
C SER A 105 9.63 -6.56 32.07
N ASN A 106 9.22 -5.78 33.19
CA ASN A 106 10.00 -4.58 33.59
C ASN A 106 9.57 -4.07 34.98
N LYS A 107 10.47 -4.23 35.92
CA LYS A 107 10.18 -4.04 37.37
C LYS A 107 9.15 -2.92 37.59
N ALA A 108 9.42 -1.72 37.06
CA ALA A 108 8.55 -0.53 37.20
C ALA A 108 7.62 -0.42 35.97
N LEU A 109 6.70 -1.38 35.82
CA LEU A 109 5.65 -1.44 34.74
C LEU A 109 4.44 -2.24 35.25
N PRO A 110 3.18 -1.84 34.97
CA PRO A 110 2.01 -2.42 35.64
C PRO A 110 1.98 -3.95 35.46
N ALA A 111 2.16 -4.39 34.21
CA ALA A 111 2.08 -5.81 33.84
C ALA A 111 2.75 -6.06 32.49
N PRO A 112 3.26 -7.30 32.27
CA PRO A 112 3.98 -7.65 31.05
C PRO A 112 3.25 -7.29 29.75
N ILE A 113 3.97 -6.77 28.76
CA ILE A 113 3.47 -6.54 27.37
C ILE A 113 3.79 -7.74 26.46
N GLU A 114 2.75 -8.41 25.98
CA GLU A 114 2.82 -9.54 25.04
C GLU A 114 2.44 -9.08 23.65
N LYS A 115 3.01 -9.71 22.62
CA LYS A 115 2.61 -9.56 21.19
C LYS A 115 2.75 -10.92 20.49
N THR A 116 1.90 -11.20 19.53
CA THR A 116 1.88 -12.49 18.81
C THR A 116 1.97 -12.18 17.32
N ILE A 117 2.59 -13.07 16.56
CA ILE A 117 2.66 -12.93 15.08
C ILE A 117 2.81 -14.33 14.52
N SER A 118 2.33 -14.46 13.29
CA SER A 118 2.27 -15.70 12.52
C SER A 118 2.10 -15.37 11.02
N LYS A 119 2.25 -16.34 10.14
CA LYS A 119 1.85 -16.16 8.71
C LYS A 119 0.34 -15.98 8.75
N ALA A 120 -0.16 -15.16 7.86
CA ALA A 120 -1.61 -14.91 7.66
C ALA A 120 -2.33 -16.25 7.55
N LYS A 121 -3.50 -16.38 8.16
CA LYS A 121 -4.25 -17.66 8.07
C LYS A 121 -4.94 -17.84 6.70
N GLY A 122 -5.06 -19.08 6.25
CA GLY A 122 -5.98 -19.44 5.14
C GLY A 122 -5.32 -20.41 4.16
N GLN A 123 -6.04 -20.97 3.18
CA GLN A 123 -5.40 -21.97 2.28
C GLN A 123 -4.45 -21.25 1.32
N PRO A 124 -3.19 -21.71 1.19
CA PRO A 124 -2.31 -21.24 0.12
C PRO A 124 -2.87 -21.41 -1.29
N ARG A 125 -2.45 -20.54 -2.21
CA ARG A 125 -2.95 -20.47 -3.60
C ARG A 125 -1.80 -19.96 -4.48
N GLU A 126 -1.63 -20.72 -5.61
CA GLU A 126 -0.47 -20.60 -6.54
C GLU A 126 -0.59 -19.29 -7.31
N PRO A 127 0.52 -18.57 -7.46
CA PRO A 127 0.50 -17.46 -8.39
C PRO A 127 0.41 -17.78 -9.79
N GLN A 128 -0.31 -17.10 -10.51
CA GLN A 128 -0.27 -17.20 -12.01
C GLN A 128 0.60 -16.00 -12.42
N VAL A 129 1.60 -16.14 -13.10
CA VAL A 129 2.51 -15.10 -13.62
C VAL A 129 2.36 -14.95 -15.15
N TYR A 130 1.95 -13.75 -15.62
CA TYR A 130 1.87 -13.36 -17.05
C TYR A 130 2.71 -12.10 -17.33
N THR A 131 3.48 -12.14 -18.43
CA THR A 131 4.33 -11.04 -18.92
C THR A 131 3.61 -10.27 -20.03
N LEU A 132 3.73 -8.92 -20.02
CA LEU A 132 3.11 -7.99 -21.00
C LEU A 132 4.16 -7.02 -21.59
N PRO A 133 4.22 -6.93 -22.94
CA PRO A 133 5.15 -6.02 -23.61
C PRO A 133 4.60 -4.60 -23.48
N PRO A 134 5.39 -3.55 -23.79
CA PRO A 134 4.86 -2.21 -23.91
C PRO A 134 3.74 -2.07 -24.97
N SER A 135 2.81 -1.16 -24.68
CA SER A 135 1.77 -0.58 -25.59
C SER A 135 2.47 0.04 -26.80
N ARG A 136 1.94 -0.14 -28.02
CA ARG A 136 2.52 0.55 -29.23
C ARG A 136 2.38 2.07 -29.06
N GLU A 137 1.33 2.56 -28.41
CA GLU A 137 1.26 3.99 -28.07
C GLU A 137 2.53 4.38 -27.31
N GLU A 138 3.21 3.47 -26.59
CA GLU A 138 4.46 3.81 -25.82
C GLU A 138 5.72 3.67 -26.69
N MET A 139 5.66 2.92 -27.80
CA MET A 139 6.83 2.61 -28.70
C MET A 139 7.40 3.82 -29.42
N THR A 140 7.14 5.01 -28.89
CA THR A 140 7.52 6.34 -29.38
C THR A 140 8.47 7.11 -28.49
N LYS A 141 8.30 6.93 -27.16
CA LYS A 141 9.19 7.42 -26.07
C LYS A 141 10.56 6.78 -26.23
N ASN A 142 11.51 7.25 -25.42
CA ASN A 142 12.93 6.80 -25.34
C ASN A 142 12.97 5.45 -24.58
N GLN A 143 12.19 5.38 -23.49
CA GLN A 143 12.14 4.20 -22.59
C GLN A 143 10.73 3.58 -22.59
N VAL A 144 10.65 2.24 -22.55
CA VAL A 144 9.37 1.48 -22.57
C VAL A 144 9.25 0.62 -21.31
N SER A 145 8.04 0.16 -21.04
CA SER A 145 7.67 -0.50 -19.78
C SER A 145 7.33 -1.97 -20.08
N LEU A 146 8.13 -2.88 -19.52
CA LEU A 146 7.84 -4.33 -19.47
C LEU A 146 7.11 -4.60 -18.15
N THR A 147 5.97 -5.27 -18.30
CA THR A 147 4.99 -5.48 -17.22
C THR A 147 4.97 -6.97 -16.83
N CYS A 148 5.08 -7.21 -15.50
CA CYS A 148 4.85 -8.55 -14.92
C CYS A 148 3.63 -8.56 -14.01
N LEU A 149 2.61 -9.34 -14.40
CA LEU A 149 1.35 -9.47 -13.64
C LEU A 149 1.38 -10.77 -12.89
N VAL A 150 1.20 -10.71 -11.58
CA VAL A 150 1.24 -11.86 -10.64
C VAL A 150 -0.09 -11.80 -9.91
N LYS A 151 -0.97 -12.78 -10.05
CA LYS A 151 -2.34 -12.73 -9.47
C LYS A 151 -2.69 -14.11 -8.94
N GLY A 152 -3.79 -14.20 -8.25
CA GLY A 152 -4.31 -15.45 -7.65
C GLY A 152 -3.50 -15.98 -6.43
N PHE A 153 -2.56 -15.21 -5.80
CA PHE A 153 -1.71 -15.78 -4.72
C PHE A 153 -2.30 -15.44 -3.31
N TYR A 154 -2.03 -16.49 -2.42
CA TYR A 154 -2.39 -16.32 -0.96
C TYR A 154 -1.37 -17.16 -0.22
N PRO A 155 -0.81 -16.72 0.91
CA PRO A 155 -0.93 -15.35 1.40
C PRO A 155 -0.10 -14.36 0.58
N SER A 156 -0.02 -13.12 1.05
CA SER A 156 0.40 -11.90 0.32
C SER A 156 1.91 -11.80 0.29
N ASP A 157 2.59 -12.54 1.18
CA ASP A 157 4.07 -12.70 1.29
C ASP A 157 4.64 -13.27 0.00
N ILE A 158 5.55 -12.55 -0.67
CA ILE A 158 5.97 -12.80 -2.07
C ILE A 158 7.17 -11.92 -2.39
N ALA A 159 7.98 -12.32 -3.36
CA ALA A 159 9.18 -11.59 -3.84
C ALA A 159 9.26 -11.66 -5.37
N VAL A 160 9.64 -10.57 -5.99
CA VAL A 160 9.58 -10.39 -7.46
C VAL A 160 10.89 -9.70 -7.84
N GLU A 161 11.50 -10.16 -8.96
CA GLU A 161 12.74 -9.60 -9.55
C GLU A 161 12.76 -9.78 -11.08
N TRP A 162 13.59 -9.00 -11.76
CA TRP A 162 13.76 -9.03 -13.23
C TRP A 162 15.23 -9.28 -13.51
N GLU A 163 15.51 -9.89 -14.66
CA GLU A 163 16.87 -10.15 -15.19
C GLU A 163 16.85 -10.17 -16.73
N SER A 164 18.02 -9.92 -17.29
CA SER A 164 18.38 -10.28 -18.68
C SER A 164 19.79 -10.88 -18.68
N ASN A 165 19.96 -11.98 -19.43
CA ASN A 165 21.27 -12.67 -19.60
C ASN A 165 21.86 -12.97 -18.22
N GLY A 166 21.01 -13.45 -17.32
CA GLY A 166 21.34 -13.89 -15.95
C GLY A 166 21.78 -12.77 -15.03
N GLN A 167 21.68 -11.51 -15.44
CA GLN A 167 22.11 -10.33 -14.63
C GLN A 167 20.88 -9.61 -14.11
N PRO A 168 20.86 -9.19 -12.83
CA PRO A 168 19.77 -8.37 -12.32
C PRO A 168 19.54 -7.09 -13.14
N GLU A 169 18.30 -6.87 -13.57
CA GLU A 169 17.87 -5.60 -14.19
C GLU A 169 17.27 -4.80 -13.06
N ASN A 170 17.91 -3.72 -12.63
CA ASN A 170 17.64 -3.03 -11.34
C ASN A 170 16.72 -1.80 -11.53
N ASN A 171 16.39 -1.46 -12.77
CA ASN A 171 15.46 -0.33 -13.04
C ASN A 171 13.98 -0.83 -13.01
N TYR A 172 13.52 -1.34 -11.87
CA TYR A 172 12.17 -1.92 -11.65
C TYR A 172 11.55 -1.39 -10.34
N LYS A 173 10.23 -1.29 -10.39
CA LYS A 173 9.37 -1.02 -9.23
C LYS A 173 8.19 -2.00 -9.27
N THR A 174 7.88 -2.54 -8.12
CA THR A 174 6.73 -3.42 -7.86
C THR A 174 5.69 -2.70 -6.98
N THR A 175 4.42 -2.83 -7.35
CA THR A 175 3.29 -2.44 -6.46
C THR A 175 3.24 -3.29 -5.19
N PRO A 176 2.73 -2.77 -4.08
CA PRO A 176 2.39 -3.60 -2.95
C PRO A 176 1.31 -4.58 -3.43
N PRO A 177 1.11 -5.67 -2.66
CA PRO A 177 0.06 -6.62 -2.96
C PRO A 177 -1.31 -5.94 -2.79
N VAL A 178 -2.27 -6.25 -3.67
CA VAL A 178 -3.64 -5.68 -3.57
C VAL A 178 -4.65 -6.84 -3.46
N LEU A 179 -5.54 -6.73 -2.50
CA LEU A 179 -6.67 -7.69 -2.26
C LEU A 179 -7.66 -7.70 -3.43
N ASP A 180 -7.71 -8.80 -4.19
CA ASP A 180 -8.59 -8.97 -5.38
C ASP A 180 -9.97 -9.45 -4.89
N SER A 181 -10.99 -9.50 -5.73
CA SER A 181 -12.40 -9.74 -5.29
C SER A 181 -12.61 -11.20 -4.86
N ASP A 182 -11.76 -12.15 -5.31
CA ASP A 182 -11.92 -13.58 -4.91
C ASP A 182 -11.17 -13.88 -3.60
N GLY A 183 -10.59 -12.89 -2.90
CA GLY A 183 -9.95 -13.16 -1.59
C GLY A 183 -8.46 -13.47 -1.73
N SER A 184 -8.03 -13.59 -2.98
CA SER A 184 -6.61 -13.73 -3.39
C SER A 184 -5.97 -12.34 -3.61
N PHE A 185 -4.63 -12.27 -3.77
CA PHE A 185 -3.90 -11.02 -3.96
C PHE A 185 -3.39 -10.99 -5.38
N PHE A 186 -3.15 -9.79 -5.89
CA PHE A 186 -2.29 -9.55 -7.07
C PHE A 186 -1.35 -8.37 -6.84
N LEU A 187 -0.47 -8.20 -7.83
CA LEU A 187 0.41 -7.02 -8.04
C LEU A 187 0.98 -7.02 -9.46
N TYR A 188 1.66 -5.94 -9.77
CA TYR A 188 2.41 -5.76 -11.03
C TYR A 188 3.80 -5.29 -10.70
N SER A 189 4.76 -5.76 -11.51
CA SER A 189 6.13 -5.25 -11.48
C SER A 189 6.39 -4.60 -12.84
N LYS A 190 6.99 -3.41 -12.82
CA LYS A 190 7.22 -2.61 -14.05
C LYS A 190 8.72 -2.51 -14.25
N LEU A 191 9.18 -2.96 -15.44
CA LEU A 191 10.61 -2.86 -15.80
C LEU A 191 10.72 -1.88 -16.96
N THR A 192 11.54 -0.87 -16.74
CA THR A 192 11.82 0.24 -17.69
C THR A 192 13.18 -0.03 -18.32
N VAL A 193 13.20 -0.14 -19.64
CA VAL A 193 14.46 -0.41 -20.40
C VAL A 193 14.54 0.64 -21.50
N ASP A 194 15.76 0.97 -21.95
CA ASP A 194 15.96 1.74 -23.22
C ASP A 194 15.24 0.97 -24.35
N LYS A 195 14.37 1.68 -25.06
CA LYS A 195 13.58 1.20 -26.23
C LYS A 195 14.46 0.41 -27.21
N SER A 196 15.72 0.82 -27.40
CA SER A 196 16.69 0.14 -28.32
C SER A 196 16.92 -1.33 -27.92
N ARG A 197 17.11 -1.62 -26.62
CA ARG A 197 17.40 -3.02 -26.18
C ARG A 197 16.20 -3.89 -26.48
N TRP A 198 14.99 -3.34 -26.37
CA TRP A 198 13.74 -4.10 -26.62
C TRP A 198 13.59 -4.37 -28.14
N GLN A 199 14.02 -3.42 -28.97
CA GLN A 199 13.88 -3.54 -30.45
C GLN A 199 14.89 -4.55 -31.00
N GLN A 200 16.08 -4.65 -30.41
CA GLN A 200 17.13 -5.64 -30.79
C GLN A 200 16.57 -7.07 -30.68
N GLY A 201 15.88 -7.38 -29.57
CA GLY A 201 15.26 -8.68 -29.27
C GLY A 201 15.83 -9.37 -28.04
N ASN A 202 16.41 -8.63 -27.10
CA ASN A 202 16.86 -9.14 -25.78
C ASN A 202 15.69 -9.77 -25.00
N VAL A 203 15.95 -10.90 -24.35
CA VAL A 203 14.98 -11.62 -23.49
C VAL A 203 15.06 -10.97 -22.12
N PHE A 204 13.91 -10.62 -21.55
CA PHE A 204 13.77 -10.22 -20.12
C PHE A 204 12.96 -11.27 -19.41
N SER A 205 13.27 -11.50 -18.13
CA SER A 205 12.57 -12.54 -17.32
C SER A 205 12.10 -11.99 -15.98
N CYS A 206 10.92 -12.47 -15.62
CA CYS A 206 10.20 -12.11 -14.38
C CYS A 206 10.21 -13.36 -13.54
N SER A 207 10.88 -13.34 -12.40
CA SER A 207 10.93 -14.44 -11.42
C SER A 207 10.20 -14.01 -10.15
N VAL A 208 9.53 -14.99 -9.57
CA VAL A 208 8.58 -14.90 -8.45
C VAL A 208 8.85 -16.03 -7.50
N MET A 209 8.89 -15.71 -6.20
CA MET A 209 9.03 -16.71 -5.12
C MET A 209 7.82 -16.58 -4.20
N HIS A 210 7.26 -17.73 -3.83
CA HIS A 210 6.00 -17.87 -3.06
C HIS A 210 5.86 -19.32 -2.63
N GLU A 211 5.32 -19.51 -1.45
CA GLU A 211 5.22 -20.83 -0.82
C GLU A 211 4.38 -21.79 -1.66
N ALA A 212 3.49 -21.36 -2.57
CA ALA A 212 2.53 -22.28 -3.25
C ALA A 212 3.06 -22.67 -4.61
N LEU A 213 4.19 -22.09 -4.99
CA LEU A 213 4.87 -22.50 -6.24
C LEU A 213 5.70 -23.75 -5.95
N HIS A 214 5.71 -24.70 -6.87
CA HIS A 214 6.71 -25.81 -6.90
C HIS A 214 8.15 -25.25 -6.70
N ASN A 215 8.99 -25.84 -5.85
CA ASN A 215 10.36 -25.35 -5.49
C ASN A 215 10.32 -23.87 -5.04
N HIS A 216 9.16 -23.36 -4.62
CA HIS A 216 8.97 -21.96 -4.21
C HIS A 216 9.41 -20.99 -5.30
N TYR A 217 9.25 -21.27 -6.60
CA TYR A 217 9.86 -20.41 -7.65
C TYR A 217 9.26 -20.66 -9.05
N THR A 218 8.99 -19.60 -9.84
CA THR A 218 8.74 -19.71 -11.30
C THR A 218 9.33 -18.44 -11.92
N GLN A 219 9.62 -18.55 -13.20
CA GLN A 219 10.20 -17.50 -14.08
C GLN A 219 9.40 -17.51 -15.38
N LYS A 220 9.02 -16.33 -15.89
CA LYS A 220 8.28 -16.08 -17.15
C LYS A 220 9.10 -15.03 -17.93
N SER A 221 9.46 -15.36 -19.16
CA SER A 221 10.37 -14.53 -19.99
C SER A 221 9.47 -13.75 -20.94
N LEU A 222 10.02 -12.76 -21.61
CA LEU A 222 9.30 -11.77 -22.47
C LEU A 222 10.26 -11.29 -23.55
N SER A 223 9.87 -11.29 -24.81
CA SER A 223 10.74 -10.72 -25.90
C SER A 223 9.92 -10.09 -27.04
N LEU A 224 10.60 -9.40 -27.94
CA LEU A 224 9.96 -8.83 -29.17
C LEU A 224 9.49 -10.00 -30.03
N SER A 225 8.24 -9.92 -30.54
CA SER A 225 7.54 -10.98 -31.33
C SER A 225 7.53 -10.68 -32.83
N PRO B 18 -2.51 13.26 25.83
CA PRO B 18 -3.88 12.90 26.25
C PRO B 18 -4.82 12.32 25.17
N SER B 19 -4.89 12.91 23.97
CA SER B 19 -5.78 12.47 22.85
C SER B 19 -5.05 12.56 21.51
N CYS B 20 -5.25 11.55 20.66
CA CYS B 20 -4.69 11.49 19.29
C CYS B 20 -5.67 12.10 18.28
N VAL B 21 -5.19 13.05 17.50
CA VAL B 21 -5.97 13.78 16.47
C VAL B 21 -5.46 13.41 15.07
N PHE B 22 -6.34 13.34 14.08
CA PHE B 22 -6.02 12.85 12.70
C PHE B 22 -6.76 13.69 11.65
N LEU B 23 -6.04 14.06 10.59
CA LEU B 23 -6.54 15.05 9.60
C LEU B 23 -6.42 14.45 8.19
N PHE B 24 -7.51 14.44 7.39
CA PHE B 24 -7.59 13.69 6.11
C PHE B 24 -7.92 14.58 4.91
N PRO B 25 -7.17 14.40 3.78
CA PRO B 25 -7.41 15.18 2.57
C PRO B 25 -8.72 14.79 1.91
N PRO B 26 -9.22 15.56 0.91
CA PRO B 26 -10.38 15.12 0.16
C PRO B 26 -9.94 13.97 -0.77
N LYS B 27 -10.91 13.28 -1.32
CA LYS B 27 -10.73 12.27 -2.40
C LYS B 27 -10.27 12.98 -3.66
N PRO B 28 -9.28 12.37 -4.38
CA PRO B 28 -8.93 12.81 -5.74
C PRO B 28 -10.14 13.25 -6.59
N LYS B 29 -11.18 12.45 -6.66
CA LYS B 29 -12.24 12.72 -7.66
C LYS B 29 -13.03 13.96 -7.27
N ASP B 30 -13.09 14.35 -5.98
CA ASP B 30 -13.94 15.47 -5.48
C ASP B 30 -13.37 16.84 -5.82
N THR B 31 -12.03 16.96 -5.85
CA THR B 31 -11.35 18.24 -6.15
C THR B 31 -11.32 18.50 -7.63
N LEU B 32 -11.50 17.49 -8.47
CA LEU B 32 -11.26 17.64 -9.93
C LEU B 32 -12.56 17.97 -10.69
N MET B 33 -13.74 17.71 -10.11
CA MET B 33 -15.08 17.84 -10.76
C MET B 33 -15.89 18.85 -9.96
N ILE B 34 -16.38 19.91 -10.63
CA ILE B 34 -17.07 21.06 -9.99
C ILE B 34 -18.36 20.59 -9.29
N SER B 35 -19.04 19.59 -9.87
CA SER B 35 -20.31 19.00 -9.37
C SER B 35 -20.12 18.23 -8.05
N ARG B 36 -18.95 17.62 -7.83
CA ARG B 36 -18.66 16.89 -6.56
C ARG B 36 -18.33 17.86 -5.43
N THR B 37 -18.30 17.36 -4.21
CA THR B 37 -18.10 18.21 -3.01
C THR B 37 -16.89 17.68 -2.25
N PRO B 38 -15.71 18.35 -2.39
CA PRO B 38 -14.53 17.96 -1.62
C PRO B 38 -14.49 18.54 -0.17
N GLU B 39 -14.04 17.71 0.78
CA GLU B 39 -14.12 17.94 2.24
C GLU B 39 -12.81 17.50 2.93
N VAL B 40 -12.41 18.22 3.98
CA VAL B 40 -11.28 17.81 4.86
C VAL B 40 -11.91 17.32 6.16
N THR B 41 -11.42 16.20 6.68
CA THR B 41 -12.09 15.40 7.71
C THR B 41 -11.12 15.32 8.89
N CYS B 42 -11.41 16.06 9.97
CA CYS B 42 -10.68 16.04 11.28
C CYS B 42 -11.33 15.01 12.21
N VAL B 43 -10.56 14.07 12.75
CA VAL B 43 -11.09 12.85 13.43
C VAL B 43 -10.35 12.63 14.76
N VAL B 44 -11.05 12.77 15.88
CA VAL B 44 -10.53 12.51 17.26
C VAL B 44 -11.04 11.14 17.73
N VAL B 45 -10.13 10.19 17.97
CA VAL B 45 -10.41 8.92 18.72
C VAL B 45 -9.84 9.07 20.14
N ASP B 46 -10.15 8.14 21.05
CA ASP B 46 -9.80 8.23 22.50
C ASP B 46 -10.44 9.50 23.09
N VAL B 47 -11.76 9.54 23.24
CA VAL B 47 -12.52 10.54 24.07
C VAL B 47 -13.37 9.78 25.09
N SER B 48 -13.03 9.87 26.39
CA SER B 48 -13.67 9.10 27.50
C SER B 48 -15.02 9.74 27.85
N HIS B 49 -15.83 9.01 28.63
CA HIS B 49 -17.24 9.35 28.97
C HIS B 49 -17.33 10.82 29.39
N GLU B 50 -16.62 11.21 30.46
CA GLU B 50 -16.75 12.52 31.20
C GLU B 50 -16.91 13.71 30.24
N ASP B 51 -15.93 13.96 29.38
CA ASP B 51 -15.86 15.16 28.50
C ASP B 51 -16.74 14.94 27.27
N PRO B 52 -17.84 15.71 27.12
CA PRO B 52 -18.83 15.45 26.08
C PRO B 52 -18.42 16.11 24.76
N GLU B 53 -18.37 17.46 24.74
CA GLU B 53 -18.34 18.28 23.50
C GLU B 53 -16.97 18.98 23.36
N VAL B 54 -16.34 18.85 22.17
CA VAL B 54 -14.99 19.41 21.82
C VAL B 54 -15.17 20.60 20.86
N LYS B 55 -14.31 21.62 21.03
CA LYS B 55 -14.38 22.95 20.35
C LYS B 55 -13.53 22.89 19.06
N PHE B 56 -14.16 22.50 17.95
CA PHE B 56 -13.53 22.47 16.59
C PHE B 56 -13.39 23.92 16.09
N ASN B 57 -12.20 24.28 15.60
CA ASN B 57 -11.88 25.60 14.98
C ASN B 57 -11.07 25.35 13.69
N TRP B 58 -11.58 25.76 12.52
CA TRP B 58 -10.99 25.49 11.19
C TRP B 58 -10.31 26.75 10.64
N TYR B 59 -9.09 26.66 10.02
CA TYR B 59 -8.42 27.83 9.40
C TYR B 59 -7.79 27.42 8.06
N VAL B 60 -8.08 28.30 7.06
CA VAL B 60 -7.57 28.31 5.66
C VAL B 60 -6.49 29.40 5.55
N ASP B 61 -5.21 29.02 5.70
CA ASP B 61 -4.04 29.94 5.67
C ASP B 61 -4.09 30.81 6.92
N GLY B 62 -4.13 30.19 8.10
CA GLY B 62 -4.14 30.90 9.41
C GLY B 62 -5.41 31.70 9.64
N VAL B 63 -5.79 32.57 8.67
CA VAL B 63 -7.14 33.20 8.52
C VAL B 63 -8.21 32.18 8.91
N GLU B 64 -9.22 32.62 9.71
CA GLU B 64 -10.28 31.70 10.23
C GLU B 64 -11.40 31.68 9.19
N VAL B 65 -12.14 30.54 9.21
CA VAL B 65 -13.36 30.31 8.37
C VAL B 65 -14.26 29.44 9.24
N HIS B 66 -15.58 29.44 9.01
CA HIS B 66 -16.60 28.93 9.96
C HIS B 66 -17.56 27.91 9.27
N ASN B 67 -17.17 27.55 8.01
CA ASN B 67 -17.96 26.72 7.07
C ASN B 67 -18.08 25.29 7.60
N ALA B 68 -17.81 25.08 8.90
CA ALA B 68 -17.80 23.74 9.54
C ALA B 68 -19.05 22.86 9.46
N LYS B 69 -18.93 21.64 9.97
CA LYS B 69 -20.10 20.78 10.31
C LYS B 69 -19.60 19.61 11.16
N THR B 70 -19.87 19.64 12.48
CA THR B 70 -19.59 18.52 13.43
C THR B 70 -20.68 17.44 13.28
N LYS B 71 -20.27 16.23 12.87
CA LYS B 71 -21.16 15.04 12.69
C LYS B 71 -21.24 14.30 14.02
N PRO B 72 -22.41 14.30 14.70
CA PRO B 72 -22.54 13.74 16.05
C PRO B 72 -21.86 12.41 16.21
N ARG B 73 -21.52 12.07 17.46
CA ARG B 73 -20.67 10.91 17.85
C ARG B 73 -21.23 9.51 17.55
N GLU B 74 -20.34 8.53 17.52
CA GLU B 74 -20.79 7.10 17.35
C GLU B 74 -20.14 6.23 18.45
N GLU B 75 -20.78 5.10 18.76
CA GLU B 75 -20.40 4.17 19.86
C GLU B 75 -19.26 3.28 19.36
N GLN B 76 -18.43 2.73 20.27
CA GLN B 76 -17.22 1.95 19.91
C GLN B 76 -17.02 0.78 20.89
N TYR B 77 -16.19 -0.19 20.49
CA TYR B 77 -15.87 -1.42 21.25
C TYR B 77 -14.68 -1.21 22.19
N ASN B 78 -14.46 0.00 22.72
CA ASN B 78 -13.39 0.22 23.72
C ASN B 78 -13.71 1.44 24.61
N SER B 79 -14.99 1.80 24.76
CA SER B 79 -15.52 2.76 25.77
C SER B 79 -15.26 4.22 25.40
N THR B 80 -14.51 4.48 24.32
CA THR B 80 -14.21 5.84 23.78
C THR B 80 -15.10 6.12 22.57
N TYR B 81 -15.14 7.38 22.10
CA TYR B 81 -16.07 7.85 21.05
C TYR B 81 -15.30 8.63 19.98
N ARG B 82 -15.77 8.52 18.73
CA ARG B 82 -15.16 9.08 17.49
C ARG B 82 -15.89 10.39 17.14
N VAL B 83 -15.32 11.53 17.52
CA VAL B 83 -15.91 12.88 17.30
C VAL B 83 -15.30 13.49 16.03
N VAL B 84 -16.11 13.60 14.97
CA VAL B 84 -15.69 14.01 13.60
C VAL B 84 -16.11 15.47 13.35
N SER B 85 -15.27 16.24 12.64
CA SER B 85 -15.66 17.49 11.92
C SER B 85 -15.20 17.41 10.43
N VAL B 86 -15.86 18.21 9.59
CA VAL B 86 -15.85 18.07 8.10
C VAL B 86 -16.04 19.46 7.49
N LEU B 87 -14.96 20.00 6.94
CA LEU B 87 -14.95 21.32 6.25
C LEU B 87 -15.02 21.11 4.74
N THR B 88 -16.14 21.50 4.10
CA THR B 88 -16.24 21.79 2.66
C THR B 88 -15.15 22.80 2.31
N VAL B 89 -14.46 22.60 1.19
CA VAL B 89 -13.38 23.49 0.67
C VAL B 89 -13.67 23.76 -0.80
N LEU B 90 -13.01 24.75 -1.36
CA LEU B 90 -13.18 25.13 -2.77
C LEU B 90 -12.13 24.25 -3.47
N HIS B 91 -12.52 23.72 -4.59
CA HIS B 91 -11.81 22.91 -5.60
C HIS B 91 -10.52 23.72 -5.84
N GLN B 92 -10.65 24.97 -6.28
CA GLN B 92 -9.45 25.71 -6.73
C GLN B 92 -8.56 26.07 -5.53
N ASP B 93 -9.09 26.13 -4.29
CA ASP B 93 -8.24 26.42 -3.10
C ASP B 93 -7.29 25.25 -2.83
N TRP B 94 -7.83 24.03 -2.76
CA TRP B 94 -7.03 22.81 -2.49
C TRP B 94 -5.99 22.68 -3.62
N LEU B 95 -6.42 22.79 -4.87
CA LEU B 95 -5.51 22.62 -6.02
C LEU B 95 -4.38 23.65 -5.98
N ASN B 96 -4.67 24.89 -5.63
CA ASN B 96 -3.70 26.03 -5.61
C ASN B 96 -2.82 25.99 -4.35
N GLY B 97 -3.07 25.06 -3.44
CA GLY B 97 -2.14 24.65 -2.37
C GLY B 97 -2.39 25.29 -1.01
N LYS B 98 -3.62 25.66 -0.69
CA LYS B 98 -3.80 26.43 0.57
C LYS B 98 -3.62 25.48 1.76
N GLU B 99 -3.23 26.01 2.93
CA GLU B 99 -3.05 25.22 4.18
C GLU B 99 -4.39 25.17 4.92
N TYR B 100 -4.78 24.01 5.43
CA TYR B 100 -6.08 23.76 6.10
C TYR B 100 -5.75 23.23 7.48
N LYS B 101 -5.96 24.14 8.52
CA LYS B 101 -5.58 23.82 9.92
C LYS B 101 -6.84 23.45 10.68
N CYS B 102 -6.78 22.25 11.33
CA CYS B 102 -7.76 21.76 12.34
C CYS B 102 -7.21 22.04 13.75
N LYS B 103 -8.06 22.57 14.65
CA LYS B 103 -7.79 22.80 16.10
C LYS B 103 -8.97 22.27 16.93
N VAL B 104 -8.70 21.29 17.78
CA VAL B 104 -9.68 20.73 18.76
C VAL B 104 -9.31 21.27 20.15
N SER B 105 -10.17 22.12 20.74
CA SER B 105 -10.07 22.62 22.14
C SER B 105 -10.90 21.73 23.07
N ASN B 106 -10.90 22.01 24.39
CA ASN B 106 -11.44 21.07 25.43
C ASN B 106 -11.43 21.74 26.82
N LYS B 107 -11.47 20.92 27.87
CA LYS B 107 -11.08 21.26 29.28
C LYS B 107 -10.11 20.18 29.82
N ALA B 108 -10.29 18.90 29.43
CA ALA B 108 -9.51 17.71 29.86
C ALA B 108 -8.17 17.60 29.11
N LEU B 109 -7.81 18.60 28.29
CA LEU B 109 -6.45 18.77 27.70
C LEU B 109 -5.80 19.98 28.36
N PRO B 110 -4.49 19.92 28.70
CA PRO B 110 -3.80 21.06 29.31
C PRO B 110 -3.65 22.23 28.32
N ALA B 111 -3.10 21.96 27.12
CA ALA B 111 -2.98 22.91 25.98
C ALA B 111 -3.77 22.36 24.79
N PRO B 112 -4.27 23.23 23.87
CA PRO B 112 -5.11 22.78 22.76
C PRO B 112 -4.34 22.21 21.54
N ILE B 113 -4.82 21.09 20.97
CA ILE B 113 -4.09 20.30 19.91
C ILE B 113 -4.45 20.80 18.50
N GLU B 114 -3.45 20.89 17.62
CA GLU B 114 -3.54 21.41 16.23
C GLU B 114 -3.06 20.37 15.20
N LYS B 115 -3.44 20.54 13.92
CA LYS B 115 -3.11 19.63 12.80
C LYS B 115 -3.22 20.38 11.46
N THR B 116 -2.24 20.22 10.57
CA THR B 116 -2.21 20.95 9.27
C THR B 116 -1.84 20.01 8.13
N ILE B 117 -2.71 20.01 7.12
CA ILE B 117 -2.62 19.24 5.84
C ILE B 117 -2.61 20.25 4.70
N SER B 118 -1.96 19.93 3.56
CA SER B 118 -2.21 20.58 2.23
C SER B 118 -1.81 19.67 1.07
N LYS B 119 -2.18 20.07 -0.15
CA LYS B 119 -1.78 19.33 -1.37
C LYS B 119 -0.26 19.28 -1.36
N ALA B 120 0.28 18.16 -1.81
CA ALA B 120 1.71 17.98 -2.07
C ALA B 120 2.17 19.10 -3.01
N LYS B 121 3.42 19.53 -2.88
CA LYS B 121 4.00 20.69 -3.58
C LYS B 121 4.78 20.23 -4.79
N GLY B 122 4.79 21.07 -5.81
CA GLY B 122 5.63 20.87 -6.99
C GLY B 122 4.82 20.88 -8.27
N GLN B 123 5.58 20.96 -9.33
CA GLN B 123 5.08 21.09 -10.71
C GLN B 123 4.16 19.90 -11.00
N PRO B 124 2.83 20.06 -11.17
CA PRO B 124 1.98 18.96 -11.63
C PRO B 124 2.51 18.41 -12.95
N ARG B 125 2.43 17.08 -13.11
CA ARG B 125 2.87 16.31 -14.32
C ARG B 125 1.74 15.39 -14.76
N GLU B 126 1.54 15.41 -16.04
CA GLU B 126 0.43 14.79 -16.74
C GLU B 126 0.66 13.29 -16.77
N PRO B 127 -0.36 12.47 -16.46
CA PRO B 127 -0.27 11.03 -16.63
C PRO B 127 -0.21 10.62 -18.11
N GLN B 128 0.55 9.57 -18.41
CA GLN B 128 0.48 8.85 -19.72
C GLN B 128 -0.24 7.54 -19.42
N VAL B 129 -1.19 7.20 -20.27
CA VAL B 129 -2.19 6.17 -19.99
C VAL B 129 -2.03 5.19 -21.18
N TYR B 130 -1.57 3.95 -20.93
CA TYR B 130 -1.44 2.87 -21.93
C TYR B 130 -2.36 1.71 -21.50
N THR B 131 -3.14 1.16 -22.44
CA THR B 131 -3.98 -0.05 -22.21
C THR B 131 -3.20 -1.26 -22.72
N LEU B 132 -3.35 -2.42 -22.07
CA LEU B 132 -2.62 -3.68 -22.32
C LEU B 132 -3.65 -4.82 -22.32
N PRO B 133 -3.61 -5.62 -23.42
CA PRO B 133 -4.45 -6.80 -23.53
C PRO B 133 -3.96 -7.91 -22.61
N PRO B 134 -4.80 -8.95 -22.40
CA PRO B 134 -4.35 -10.13 -21.69
C PRO B 134 -3.23 -10.78 -22.52
N SER B 135 -2.37 -11.50 -21.80
CA SER B 135 -1.23 -12.35 -22.25
C SER B 135 -1.81 -13.53 -23.05
N ARG B 136 -1.09 -14.05 -24.05
CA ARG B 136 -1.52 -15.29 -24.78
C ARG B 136 -1.80 -16.41 -23.74
N GLU B 137 -0.96 -16.51 -22.70
CA GLU B 137 -1.04 -17.62 -21.70
C GLU B 137 -2.22 -17.45 -20.74
N GLU B 138 -2.75 -16.23 -20.56
CA GLU B 138 -4.00 -16.05 -19.81
C GLU B 138 -5.16 -16.55 -20.65
N MET B 139 -4.97 -16.75 -21.96
CA MET B 139 -6.00 -16.99 -22.82
C MET B 139 -6.63 -18.41 -22.72
N THR B 140 -6.02 -19.24 -21.89
CA THR B 140 -6.52 -20.62 -21.61
C THR B 140 -7.63 -20.57 -20.55
N LYS B 141 -7.85 -19.43 -19.88
CA LYS B 141 -8.73 -19.38 -18.69
C LYS B 141 -10.13 -18.97 -19.11
N ASN B 142 -11.01 -18.85 -18.13
CA ASN B 142 -12.43 -18.49 -18.26
C ASN B 142 -12.61 -16.97 -18.11
N GLN B 143 -11.88 -16.35 -17.18
CA GLN B 143 -11.87 -14.87 -16.96
C GLN B 143 -10.49 -14.34 -17.33
N VAL B 144 -10.47 -13.20 -18.06
CA VAL B 144 -9.19 -12.54 -18.48
C VAL B 144 -9.02 -11.13 -17.90
N SER B 145 -7.79 -10.64 -17.95
CA SER B 145 -7.26 -9.46 -17.25
C SER B 145 -6.92 -8.39 -18.27
N LEU B 146 -7.68 -7.28 -18.25
CA LEU B 146 -7.43 -6.05 -19.02
C LEU B 146 -6.76 -5.04 -18.12
N THR B 147 -5.65 -4.55 -18.65
CA THR B 147 -4.67 -3.74 -17.91
C THR B 147 -4.58 -2.33 -18.48
N CYS B 148 -4.61 -1.35 -17.58
CA CYS B 148 -4.40 0.09 -17.82
C CYS B 148 -3.24 0.51 -16.96
N LEU B 149 -2.11 0.79 -17.61
CA LEU B 149 -0.91 1.40 -16.99
C LEU B 149 -1.02 2.90 -17.09
N VAL B 150 -0.88 3.57 -15.94
CA VAL B 150 -0.95 5.04 -15.83
C VAL B 150 0.36 5.53 -15.19
N LYS B 151 1.26 6.21 -15.89
CA LYS B 151 2.58 6.56 -15.33
C LYS B 151 2.94 8.03 -15.53
N GLY B 152 4.00 8.48 -14.87
CA GLY B 152 4.56 9.83 -15.07
C GLY B 152 3.80 10.95 -14.34
N PHE B 153 2.89 10.67 -13.37
CA PHE B 153 1.97 11.69 -12.83
C PHE B 153 2.50 12.21 -11.50
N TYR B 154 2.22 13.50 -11.24
CA TYR B 154 2.55 14.18 -9.95
C TYR B 154 1.54 15.27 -9.75
N PRO B 155 1.01 15.51 -8.52
CA PRO B 155 1.16 14.60 -7.39
C PRO B 155 0.41 13.26 -7.60
N SER B 156 0.30 12.47 -6.54
CA SER B 156 -0.16 11.04 -6.53
C SER B 156 -1.69 10.91 -6.60
N ASP B 157 -2.40 11.94 -6.18
CA ASP B 157 -3.86 12.11 -6.27
C ASP B 157 -4.33 11.84 -7.71
N ILE B 158 -5.15 10.79 -7.88
CA ILE B 158 -5.59 10.35 -9.22
C ILE B 158 -6.81 9.46 -9.02
N ALA B 159 -7.69 9.37 -10.03
CA ALA B 159 -8.81 8.40 -10.07
C ALA B 159 -8.85 7.63 -11.40
N VAL B 160 -9.19 6.35 -11.31
CA VAL B 160 -9.27 5.41 -12.46
C VAL B 160 -10.59 4.62 -12.40
N GLU B 161 -11.30 4.57 -13.52
CA GLU B 161 -12.58 3.82 -13.68
C GLU B 161 -12.57 3.12 -15.03
N TRP B 162 -13.44 2.14 -15.22
CA TRP B 162 -13.51 1.37 -16.47
C TRP B 162 -14.94 1.43 -17.02
N GLU B 163 -15.05 1.49 -18.35
CA GLU B 163 -16.33 1.62 -19.08
C GLU B 163 -16.34 0.65 -20.25
N SER B 164 -17.54 0.18 -20.59
CA SER B 164 -17.94 -0.37 -21.91
C SER B 164 -19.29 0.25 -22.28
N ASN B 165 -19.42 0.72 -23.53
CA ASN B 165 -20.60 1.41 -24.11
C ASN B 165 -21.25 2.36 -23.10
N GLY B 166 -20.43 3.12 -22.37
CA GLY B 166 -20.85 4.23 -21.50
C GLY B 166 -21.60 3.75 -20.28
N GLN B 167 -21.39 2.49 -19.90
CA GLN B 167 -21.93 1.90 -18.67
C GLN B 167 -20.74 1.51 -17.80
N PRO B 168 -20.77 1.76 -16.46
CA PRO B 168 -19.67 1.40 -15.56
C PRO B 168 -19.43 -0.12 -15.56
N GLU B 169 -18.22 -0.61 -15.84
CA GLU B 169 -17.77 -1.99 -15.46
C GLU B 169 -17.19 -1.90 -14.06
N ASN B 170 -17.63 -2.72 -13.11
CA ASN B 170 -17.26 -2.59 -11.67
C ASN B 170 -16.34 -3.72 -11.17
N ASN B 171 -15.98 -4.70 -12.00
CA ASN B 171 -15.10 -5.86 -11.65
C ASN B 171 -13.61 -5.54 -11.92
N TYR B 172 -13.10 -4.49 -11.28
CA TYR B 172 -11.71 -4.00 -11.43
C TYR B 172 -11.11 -3.64 -10.07
N LYS B 173 -9.78 -3.68 -10.03
CA LYS B 173 -8.96 -3.24 -8.90
C LYS B 173 -7.78 -2.47 -9.43
N THR B 174 -7.40 -1.44 -8.68
CA THR B 174 -6.33 -0.49 -9.02
C THR B 174 -5.31 -0.52 -7.89
N THR B 175 -4.03 -0.49 -8.22
CA THR B 175 -2.98 -0.56 -7.22
C THR B 175 -2.93 0.81 -6.56
N PRO B 176 -2.37 1.00 -5.36
CA PRO B 176 -2.08 2.35 -4.85
C PRO B 176 -1.03 2.96 -5.79
N PRO B 177 -0.82 4.29 -5.83
CA PRO B 177 0.28 4.87 -6.59
C PRO B 177 1.62 4.51 -5.97
N VAL B 178 2.62 4.29 -6.85
CA VAL B 178 3.99 3.91 -6.46
C VAL B 178 4.96 4.94 -7.04
N LEU B 179 5.83 5.42 -6.15
CA LEU B 179 6.89 6.44 -6.34
C LEU B 179 7.89 5.78 -7.26
N ASP B 180 8.07 6.41 -8.40
CA ASP B 180 9.00 5.96 -9.44
C ASP B 180 10.36 6.66 -9.25
N SER B 181 11.33 6.26 -10.05
CA SER B 181 12.75 6.67 -9.91
C SER B 181 12.91 8.15 -10.25
N ASP B 182 12.01 8.72 -11.06
CA ASP B 182 12.09 10.16 -11.44
C ASP B 182 11.27 11.03 -10.50
N GLY B 183 10.74 10.57 -9.35
CA GLY B 183 9.93 11.46 -8.48
C GLY B 183 8.47 11.57 -8.93
N SER B 184 8.10 11.03 -10.09
CA SER B 184 6.71 10.91 -10.57
C SER B 184 6.09 9.61 -10.04
N PHE B 185 4.78 9.38 -10.18
CA PHE B 185 4.14 8.14 -9.67
C PHE B 185 3.63 7.23 -10.84
N PHE B 186 3.49 5.91 -10.65
CA PHE B 186 2.71 5.04 -11.55
C PHE B 186 1.67 4.20 -10.76
N LEU B 187 0.64 3.71 -11.46
CA LEU B 187 -0.23 2.60 -10.97
C LEU B 187 -0.70 1.76 -12.17
N TYR B 188 -1.30 0.62 -11.84
CA TYR B 188 -1.97 -0.31 -12.75
C TYR B 188 -3.39 -0.52 -12.25
N SER B 189 -4.33 -0.48 -13.17
CA SER B 189 -5.70 -0.88 -12.88
C SER B 189 -5.95 -2.14 -13.68
N LYS B 190 -6.61 -3.13 -13.06
CA LYS B 190 -6.92 -4.46 -13.66
C LYS B 190 -8.42 -4.64 -13.71
N LEU B 191 -8.96 -4.89 -14.91
CA LEU B 191 -10.38 -5.20 -15.08
C LEU B 191 -10.46 -6.66 -15.51
N THR B 192 -11.25 -7.41 -14.77
CA THR B 192 -11.51 -8.82 -15.06
C THR B 192 -12.85 -8.92 -15.77
N VAL B 193 -12.86 -9.59 -16.92
CA VAL B 193 -14.07 -9.80 -17.75
C VAL B 193 -14.10 -11.25 -18.21
N ASP B 194 -15.31 -11.78 -18.40
CA ASP B 194 -15.53 -13.07 -19.12
C ASP B 194 -14.68 -13.03 -20.37
N LYS B 195 -13.93 -14.07 -20.66
CA LYS B 195 -13.23 -14.26 -21.97
C LYS B 195 -14.21 -14.21 -23.15
N SER B 196 -15.47 -14.60 -22.95
CA SER B 196 -16.56 -14.56 -23.95
C SER B 196 -16.67 -13.14 -24.49
N ARG B 197 -16.61 -12.13 -23.60
CA ARG B 197 -16.85 -10.71 -23.99
C ARG B 197 -15.66 -10.21 -24.80
N TRP B 198 -14.45 -10.51 -24.34
CA TRP B 198 -13.20 -10.05 -24.99
C TRP B 198 -13.08 -10.63 -26.40
N GLN B 199 -13.67 -11.81 -26.67
CA GLN B 199 -13.52 -12.54 -27.97
C GLN B 199 -14.56 -12.08 -29.01
N GLN B 200 -15.79 -11.77 -28.60
CA GLN B 200 -16.85 -11.13 -29.43
C GLN B 200 -16.32 -9.79 -30.00
N GLY B 201 -15.51 -9.06 -29.24
CA GLY B 201 -14.71 -7.91 -29.69
C GLY B 201 -15.17 -6.60 -29.08
N ASN B 202 -15.93 -6.66 -27.97
CA ASN B 202 -16.42 -5.47 -27.22
C ASN B 202 -15.22 -4.54 -26.95
N VAL B 203 -15.48 -3.26 -26.97
CA VAL B 203 -14.50 -2.20 -26.61
C VAL B 203 -14.62 -1.82 -25.12
N PHE B 204 -13.50 -1.84 -24.38
CA PHE B 204 -13.38 -1.45 -22.94
C PHE B 204 -12.52 -0.19 -22.81
N SER B 205 -12.83 0.69 -21.88
CA SER B 205 -12.15 1.99 -21.78
C SER B 205 -11.73 2.23 -20.33
N CYS B 206 -10.52 2.75 -20.25
CA CYS B 206 -9.80 3.19 -19.03
C CYS B 206 -9.92 4.72 -18.93
N SER B 207 -10.59 5.24 -17.87
CA SER B 207 -10.81 6.69 -17.57
C SER B 207 -9.88 7.13 -16.46
N VAL B 208 -9.13 8.20 -16.71
CA VAL B 208 -8.18 8.71 -15.72
C VAL B 208 -8.56 10.16 -15.48
N MET B 209 -8.54 10.58 -14.22
CA MET B 209 -8.83 11.96 -13.78
C MET B 209 -7.66 12.47 -12.96
N HIS B 210 -7.01 13.55 -13.40
CA HIS B 210 -5.81 14.11 -12.70
C HIS B 210 -5.72 15.59 -13.06
N GLU B 211 -5.19 16.43 -12.14
CA GLU B 211 -5.18 17.89 -12.30
C GLU B 211 -4.40 18.30 -13.55
N ALA B 212 -3.35 17.61 -13.91
CA ALA B 212 -2.50 18.02 -15.05
C ALA B 212 -3.09 17.55 -16.39
N LEU B 213 -4.29 16.94 -16.43
CA LEU B 213 -4.88 16.52 -17.72
C LEU B 213 -5.78 17.68 -18.23
N HIS B 214 -5.85 17.88 -19.56
CA HIS B 214 -6.80 18.86 -20.13
C HIS B 214 -8.22 18.46 -19.69
N ASN B 215 -9.02 19.41 -19.16
CA ASN B 215 -10.33 19.13 -18.50
C ASN B 215 -10.21 17.96 -17.48
N HIS B 216 -9.04 17.73 -16.89
CA HIS B 216 -8.91 16.82 -15.72
C HIS B 216 -9.37 15.38 -16.07
N TYR B 217 -9.36 15.01 -17.36
CA TYR B 217 -10.00 13.75 -17.81
C TYR B 217 -9.39 13.27 -19.13
N THR B 218 -9.12 11.98 -19.23
CA THR B 218 -8.77 11.36 -20.51
C THR B 218 -9.24 9.90 -20.43
N GLN B 219 -9.48 9.28 -21.59
CA GLN B 219 -9.81 7.85 -21.67
C GLN B 219 -9.03 7.18 -22.80
N LYS B 220 -8.78 5.92 -22.54
CA LYS B 220 -8.14 5.20 -23.65
C LYS B 220 -8.90 3.90 -23.80
N SER B 221 -9.09 3.52 -25.07
CA SER B 221 -9.88 2.34 -25.44
C SER B 221 -8.91 1.18 -25.44
N LEU B 222 -9.45 -0.03 -25.46
CA LEU B 222 -8.68 -1.27 -25.63
C LEU B 222 -9.55 -2.33 -26.32
N SER B 223 -9.11 -2.90 -27.45
CA SER B 223 -9.87 -3.99 -28.11
C SER B 223 -8.93 -4.91 -28.87
N LEU B 224 -9.36 -6.14 -29.14
CA LEU B 224 -8.58 -7.16 -29.92
C LEU B 224 -8.27 -6.64 -31.32
N SER B 225 -7.03 -6.19 -31.56
CA SER B 225 -6.55 -5.48 -32.79
C SER B 225 -7.39 -5.84 -34.03
C1 NAG C . 12.74 7.91 21.28
C2 NAG C . 11.27 7.94 20.87
C3 NAG C . 10.79 6.61 20.28
C4 NAG C . 11.74 6.26 19.14
C5 NAG C . 13.16 6.23 19.69
C6 NAG C . 14.05 5.70 18.57
C7 NAG C . 9.73 9.33 22.21
C8 NAG C . 9.06 9.53 23.54
N2 NAG C . 10.54 8.29 22.08
O3 NAG C . 9.40 6.69 19.95
O4 NAG C . 11.63 4.91 18.65
O5 NAG C . 13.60 7.50 20.20
O6 NAG C . 13.82 6.55 17.46
O7 NAG C . 9.55 10.09 21.30
C1 NAG C . 10.54 4.71 17.74
C2 NAG C . 10.86 3.45 16.92
C3 NAG C . 9.85 3.27 15.79
C4 NAG C . 8.48 3.23 16.45
C5 NAG C . 8.26 4.50 17.28
C6 NAG C . 6.95 4.35 17.98
C7 NAG C . 13.14 2.64 16.39
C8 NAG C . 14.43 2.99 15.68
N2 NAG C . 12.19 3.64 16.36
O3 NAG C . 10.11 2.03 15.00
O4 NAG C . 7.37 3.19 15.54
O5 NAG C . 9.25 4.69 18.33
O6 NAG C . 6.97 5.35 18.98
O7 NAG C . 13.01 1.50 16.93
C1 BMA C . 7.02 1.90 15.01
C2 BMA C . 5.58 2.02 14.62
C3 BMA C . 5.08 0.75 13.85
C4 BMA C . 5.90 0.55 12.63
C5 BMA C . 7.32 0.39 13.07
C6 BMA C . 8.18 0.19 11.79
O2 BMA C . 5.63 3.21 13.85
O3 BMA C . 3.81 0.89 13.25
O4 BMA C . 5.43 -0.64 12.01
O5 BMA C . 7.84 1.48 13.92
O6 BMA C . 9.50 -0.02 12.30
C1 MAN C . 2.64 0.14 13.78
C2 MAN C . 1.42 0.09 12.80
C3 MAN C . 0.78 1.48 12.66
C4 MAN C . 0.49 2.15 14.03
C5 MAN C . 1.69 1.99 14.99
C6 MAN C . 1.51 2.46 16.46
O2 MAN C . 0.38 -0.79 13.31
O3 MAN C . -0.41 1.39 11.86
O4 MAN C . 0.21 3.57 13.83
O5 MAN C . 2.03 0.61 15.02
O6 MAN C . 1.11 1.34 17.28
C1 NAG C . 0.50 -2.15 12.85
C2 NAG C . -0.25 -3.07 13.82
C3 NAG C . 0.13 -4.51 13.45
C4 NAG C . 0.00 -4.85 11.97
C5 NAG C . 0.26 -3.69 10.96
C6 NAG C . -0.54 -3.90 9.64
C7 NAG C . -0.63 -1.92 16.06
C8 NAG C . -1.96 -1.34 15.67
N2 NAG C . 0.07 -2.71 15.22
O3 NAG C . -0.70 -5.48 14.09
O4 NAG C . 0.91 -5.94 11.79
O5 NAG C . 0.00 -2.39 11.53
O6 NAG C . -1.12 -2.68 9.12
O7 NAG C . -0.15 -1.65 17.15
C1 MAN C . 10.43 -0.32 11.27
C2 MAN C . 11.72 -0.64 11.99
C3 MAN C . 12.34 0.61 12.63
C4 MAN C . 12.50 1.69 11.55
C5 MAN C . 11.05 1.95 11.02
C6 MAN C . 10.74 3.14 10.09
O2 MAN C . 12.54 -1.25 11.01
O3 MAN C . 13.53 0.31 13.34
O4 MAN C . 13.21 2.83 12.14
O5 MAN C . 10.64 0.76 10.36
O6 MAN C . 10.80 2.81 8.69
C1 NAG C . 12.37 -2.67 10.96
C2 NAG C . 12.69 -3.17 9.55
C3 NAG C . 12.78 -4.69 9.39
C4 NAG C . 13.58 -5.37 10.53
C5 NAG C . 13.08 -4.75 11.90
C6 NAG C . 13.69 -5.26 13.21
C7 NAG C . 12.17 -1.54 7.85
C8 NAG C . 11.15 -1.06 6.84
N2 NAG C . 11.77 -2.61 8.58
O3 NAG C . 13.46 -4.77 8.13
O4 NAG C . 13.64 -6.84 10.50
O5 NAG C . 13.24 -3.32 11.92
O6 NAG C . 15.10 -5.43 13.13
O7 NAG C . 13.29 -1.00 7.97
C1 FUC C . 15.10 7.06 16.97
C2 FUC C . 14.97 7.61 15.53
C3 FUC C . 14.43 9.04 15.55
C4 FUC C . 15.31 9.92 16.46
C5 FUC C . 15.19 9.37 17.89
C6 FUC C . 15.85 10.27 18.96
O2 FUC C . 14.05 6.78 14.79
O3 FUC C . 14.39 9.53 14.22
O4 FUC C . 16.72 9.94 16.10
O5 FUC C . 15.72 8.03 17.87
C1 NAG D . -10.36 2.29 20.26
C2 NAG D . -8.92 2.80 20.21
C3 NAG D . -8.85 3.97 19.22
C4 NAG D . -9.21 3.43 17.87
C5 NAG D . -10.60 2.76 17.95
C6 NAG D . -11.03 2.15 16.62
C7 NAG D . -7.60 2.44 22.23
C8 NAG D . -7.12 3.05 23.52
N2 NAG D . -8.40 3.23 21.50
O3 NAG D . -7.55 4.55 19.14
O4 NAG D . -9.19 4.54 16.95
O5 NAG D . -10.59 1.74 18.97
O6 NAG D . -10.34 0.92 16.36
O7 NAG D . -7.29 1.31 21.89
C1 NAG D . -8.16 4.37 15.89
C2 NAG D . -8.65 4.89 14.49
C3 NAG D . -7.55 5.44 13.56
C4 NAG D . -6.14 5.50 14.16
C5 NAG D . -5.90 4.72 15.45
C6 NAG D . -4.57 5.14 16.03
C7 NAG D . -10.75 4.18 13.31
C8 NAG D . -11.50 2.97 12.83
N2 NAG D . -9.46 3.93 13.68
O3 NAG D . -7.92 6.79 13.14
O4 NAG D . -5.21 4.99 13.19
O5 NAG D . -6.95 5.01 16.39
O6 NAG D . -4.14 4.03 16.83
O7 NAG D . -11.31 5.28 13.39
C1 BMA D . -4.77 6.02 12.29
C2 BMA D . -3.25 6.04 12.32
C3 BMA D . -2.70 6.86 11.16
C4 BMA D . -3.37 6.49 9.84
C5 BMA D . -4.90 6.59 9.94
C6 BMA D . -5.60 6.11 8.66
O2 BMA D . -2.70 4.71 12.25
O3 BMA D . -1.32 6.50 11.04
O4 BMA D . -2.83 7.36 8.84
O5 BMA D . -5.35 5.75 11.01
O6 BMA D . -7.01 6.13 8.88
C1 MAN D . -0.42 7.64 10.96
C2 MAN D . 0.88 7.20 10.19
C3 MAN D . 1.85 6.41 11.13
C4 MAN D . 1.67 6.69 12.66
C5 MAN D . 0.30 7.23 13.17
C6 MAN D . 0.34 7.77 14.62
O2 MAN D . 1.48 8.24 9.27
O3 MAN D . 3.21 6.57 10.64
O4 MAN D . 1.81 5.48 13.44
O5 MAN D . -0.24 8.22 12.27
O6 MAN D . 0.03 9.17 14.65
C1 NAG D . 2.23 9.43 9.74
C2 NAG D . 1.84 10.67 8.88
C3 NAG D . 1.85 12.04 9.64
C4 NAG D . 1.60 11.90 11.16
C5 NAG D . 2.65 10.91 11.65
C6 NAG D . 2.90 10.83 13.17
C7 NAG D . 2.33 10.42 6.40
C8 NAG D . 3.36 10.71 5.33
N2 NAG D . 2.68 10.77 7.66
O3 NAG D . 0.90 12.94 9.05
O4 NAG D . 1.65 13.15 11.86
O5 NAG D . 2.15 9.65 11.18
O6 NAG D . 2.03 11.71 13.90
O7 NAG D . 1.26 9.92 6.11
C1 MAN D . -7.79 5.94 7.67
C2 MAN D . -9.23 6.37 8.05
C3 MAN D . -9.68 5.40 9.14
C4 MAN D . -9.55 3.95 8.67
C5 MAN D . -8.19 3.56 8.03
C6 MAN D . -8.37 2.31 7.20
O2 MAN D . -10.19 6.42 6.96
O3 MAN D . -11.04 5.61 9.56
O4 MAN D . -9.80 3.14 9.82
O5 MAN D . -7.66 4.59 7.17
O6 MAN D . -7.38 1.35 7.55
C1 NAG D . -10.24 7.68 6.23
C2 NAG D . -10.81 7.44 4.81
C3 NAG D . -11.07 8.81 4.15
C4 NAG D . -12.17 9.57 4.85
C5 NAG D . -11.76 9.72 6.31
C6 NAG D . -13.05 9.79 7.12
C7 NAG D . -9.69 5.27 4.15
C8 NAG D . -8.82 4.57 3.15
N2 NAG D . -9.89 6.60 4.01
O3 NAG D . -11.44 8.70 2.75
O4 NAG D . -12.45 10.85 4.23
O5 NAG D . -10.92 8.72 6.96
O6 NAG D . -12.68 10.03 8.49
O7 NAG D . -10.18 4.60 5.04
C1 FUC D . -10.59 0.45 15.01
C2 FUC D . -9.67 -0.74 14.80
C3 FUC D . -10.18 -1.85 15.71
C4 FUC D . -11.62 -2.18 15.32
C5 FUC D . -12.48 -0.95 15.54
C6 FUC D . -13.97 -1.21 15.26
O2 FUC D . -8.31 -0.40 15.09
O3 FUC D . -9.33 -3.00 15.62
O4 FUC D . -11.70 -2.54 13.94
O5 FUC D . -11.96 0.09 14.70
N CYS E . 4.23 4.63 19.65
CA CYS E . 4.41 4.67 21.14
C CYS E . 4.49 6.13 21.61
O CYS E . 5.40 6.86 21.10
CB CYS E . 5.70 3.93 21.49
SG CYS E . 5.80 3.44 23.26
OXT CYS E . 3.69 6.61 22.48
N CYS F . -1.38 6.06 18.49
CA CYS F . -2.29 6.51 19.54
C CYS F . -2.45 5.40 20.61
O CYS F . -3.06 4.32 20.25
CB CYS F . -3.65 6.82 18.92
SG CYS F . -4.82 7.54 20.12
OXT CYS F . -1.96 5.49 21.79
#